data_3IWV
#
_entry.id   3IWV
#
_cell.length_a   45.920
_cell.length_b   103.690
_cell.length_c   52.630
_cell.angle_alpha   90.00
_cell.angle_beta   108.81
_cell.angle_gamma   90.00
#
_symmetry.space_group_name_H-M   'P 1 21 1'
#
loop_
_entity.id
_entity.type
_entity.pdbx_description
1 polymer '5-hydroxyisourate hydrolase'
2 water water
#
_entity_poly.entity_id   1
_entity_poly.type   'polypeptide(L)'
_entity_poly.pdbx_seq_one_letter_code
;MNRLQHIRGHIVSADKHINMSATLLSPLSTHVLNIAQGVPGANMTIVLHRLDPVSSAWNILTTGITNDDGRCPGLITKEN
FIAGVYKMRFETGKYWDALGETCFYPYVEIVFTITNTSQHYHVPLLLSRFSYSTTRGS
;
_entity_poly.pdbx_strand_id   A,B,C,D
#
# COMPACT_ATOMS: atom_id res chain seq x y z
N SER A 26 -2.02 18.75 -19.86
CA SER A 26 -1.32 18.74 -18.51
C SER A 26 -0.70 17.37 -18.23
N PRO A 27 0.61 17.26 -18.42
CA PRO A 27 1.16 15.92 -18.36
C PRO A 27 1.36 15.38 -16.95
N LEU A 28 0.97 16.14 -15.91
CA LEU A 28 1.15 15.66 -14.54
C LEU A 28 -0.21 15.73 -13.91
N SER A 29 -0.65 14.63 -13.29
CA SER A 29 -1.97 14.62 -12.66
C SER A 29 -1.87 13.95 -11.31
N THR A 30 -2.89 14.13 -10.46
CA THR A 30 -2.80 13.47 -9.21
C THR A 30 -4.18 13.02 -8.82
N HIS A 31 -4.24 12.25 -7.76
CA HIS A 31 -5.50 11.87 -7.19
C HIS A 31 -5.22 11.57 -5.75
N VAL A 32 -6.04 12.15 -4.91
CA VAL A 32 -5.95 11.91 -3.50
C VAL A 32 -7.13 11.03 -3.08
N LEU A 33 -6.83 9.88 -2.47
CA LEU A 33 -7.85 8.99 -1.93
C LEU A 33 -7.74 8.92 -0.42
N ASN A 34 -8.81 9.23 0.30
CA ASN A 34 -8.86 8.97 1.73
C ASN A 34 -9.28 7.51 1.92
N ILE A 35 -8.28 6.66 2.17
CA ILE A 35 -8.57 5.27 2.23
C ILE A 35 -9.13 4.84 3.53
N ALA A 36 -9.35 5.78 4.44
CA ALA A 36 -10.03 5.39 5.71
C ALA A 36 -11.52 5.39 5.55
N GLN A 37 -11.98 6.29 4.68
CA GLN A 37 -13.40 6.44 4.36
C GLN A 37 -13.79 5.95 2.99
N GLY A 38 -12.80 5.63 2.12
CA GLY A 38 -13.11 5.21 0.76
C GLY A 38 -13.73 6.35 -0.06
N VAL A 39 -13.27 7.57 0.14
CA VAL A 39 -13.77 8.74 -0.59
C VAL A 39 -12.64 9.58 -1.11
N PRO A 40 -12.91 10.36 -2.15
CA PRO A 40 -11.90 11.33 -2.57
C PRO A 40 -11.43 12.26 -1.48
N GLY A 41 -10.17 12.63 -1.56
CA GLY A 41 -9.59 13.57 -0.59
C GLY A 41 -9.77 14.96 -1.12
N ALA A 42 -10.91 15.56 -0.82
CA ALA A 42 -11.28 16.86 -1.33
C ALA A 42 -10.64 18.03 -0.49
N ASN A 43 -10.40 19.17 -1.13
CA ASN A 43 -9.94 20.39 -0.48
C ASN A 43 -8.55 20.23 0.19
N MET A 44 -7.67 19.42 -0.44
CA MET A 44 -6.30 19.32 0.07
C MET A 44 -5.38 20.17 -0.83
N THR A 45 -4.55 20.95 -0.18
CA THR A 45 -3.65 21.89 -0.79
C THR A 45 -2.53 21.05 -1.28
N ILE A 46 -2.10 21.33 -2.49
CA ILE A 46 -0.97 20.57 -3.07
C ILE A 46 -0.11 21.62 -3.66
N VAL A 47 1.21 21.58 -3.41
CA VAL A 47 2.14 22.58 -3.97
C VAL A 47 3.11 21.80 -4.82
N LEU A 48 3.27 22.24 -6.07
CA LEU A 48 4.26 21.63 -6.94
C LEU A 48 5.51 22.50 -7.06
N HIS A 49 6.70 21.89 -6.86
CA HIS A 49 7.99 22.57 -6.99
C HIS A 49 8.86 21.84 -8.04
N ARG A 50 9.84 22.55 -8.63
CA ARG A 50 10.94 21.95 -9.42
C ARG A 50 12.32 22.30 -8.83
N LEU A 51 13.27 21.36 -8.83
CA LEU A 51 14.51 21.55 -8.11
C LEU A 51 15.35 22.41 -9.08
N ASP A 52 16.05 23.39 -8.55
CA ASP A 52 16.92 24.23 -9.37
C ASP A 52 18.11 23.35 -9.52
N PRO A 53 18.44 22.90 -10.74
CA PRO A 53 19.50 21.87 -10.71
C PRO A 53 20.91 22.42 -10.29
N VAL A 54 21.05 23.73 -10.11
CA VAL A 54 22.39 24.30 -9.76
C VAL A 54 22.48 24.68 -8.28
N SER A 55 21.55 25.51 -7.83
CA SER A 55 21.53 25.85 -6.42
C SER A 55 20.74 24.70 -5.84
N SER A 56 20.71 24.40 -4.58
CA SER A 56 19.74 23.24 -4.51
C SER A 56 18.29 23.62 -4.14
N ALA A 57 17.90 24.77 -4.67
CA ALA A 57 16.65 25.40 -4.26
C ALA A 57 15.45 24.77 -4.96
N TRP A 58 14.33 24.84 -4.28
CA TRP A 58 13.03 24.41 -4.81
C TRP A 58 12.31 25.64 -5.30
N ASN A 59 11.88 25.64 -6.54
CA ASN A 59 11.16 26.73 -7.16
C ASN A 59 9.71 26.31 -7.21
N ILE A 60 8.82 27.11 -6.61
CA ILE A 60 7.40 26.83 -6.68
C ILE A 60 6.93 27.04 -8.12
N LEU A 61 6.04 26.15 -8.54
CA LEU A 61 5.49 26.15 -9.86
C LEU A 61 4.01 26.44 -9.74
N THR A 62 3.34 25.74 -8.85
CA THR A 62 1.87 25.75 -8.75
C THR A 62 1.43 25.45 -7.34
N THR A 63 0.38 26.14 -6.93
CA THR A 63 -0.27 25.84 -5.67
C THR A 63 -1.72 25.62 -6.06
N GLY A 64 -2.27 24.47 -5.71
CA GLY A 64 -3.67 24.12 -6.02
C GLY A 64 -4.38 23.52 -4.84
N ILE A 65 -5.69 23.31 -4.97
CA ILE A 65 -6.49 22.65 -3.95
C ILE A 65 -7.24 21.53 -4.71
N THR A 66 -7.27 20.30 -4.20
CA THR A 66 -8.04 19.21 -4.89
C THR A 66 -9.52 19.53 -4.95
N ASN A 67 -10.24 19.07 -5.99
CA ASN A 67 -11.71 19.27 -6.13
C ASN A 67 -12.49 18.14 -5.42
N ASP A 68 -13.81 18.14 -5.55
CA ASP A 68 -14.65 17.12 -4.89
C ASP A 68 -14.29 15.71 -5.33
N ASP A 69 -13.63 15.53 -6.46
CA ASP A 69 -13.20 14.19 -6.92
C ASP A 69 -11.74 13.85 -6.56
N GLY A 70 -11.14 14.68 -5.71
CA GLY A 70 -9.81 14.47 -5.19
C GLY A 70 -8.69 14.68 -6.22
N ARG A 71 -8.99 15.40 -7.29
CA ARG A 71 -7.97 15.70 -8.34
C ARG A 71 -7.56 17.17 -8.38
N CYS A 72 -6.44 17.45 -9.05
CA CYS A 72 -5.91 18.81 -9.11
C CYS A 72 -5.55 19.12 -10.54
N PRO A 73 -6.54 19.53 -11.38
CA PRO A 73 -6.18 19.81 -12.80
C PRO A 73 -5.30 21.06 -12.96
N GLY A 74 -4.49 21.11 -14.01
CA GLY A 74 -3.64 22.26 -14.29
C GLY A 74 -2.43 22.40 -13.37
N LEU A 75 -1.90 21.28 -12.90
CA LEU A 75 -0.72 21.28 -12.05
C LEU A 75 0.44 21.96 -12.71
N ILE A 76 0.62 21.66 -13.98
CA ILE A 76 1.70 22.23 -14.77
C ILE A 76 1.12 22.26 -16.18
N THR A 77 1.64 23.13 -17.04
CA THR A 77 1.21 23.17 -18.41
C THR A 77 2.20 22.32 -19.16
N LYS A 78 1.77 21.77 -20.29
CA LYS A 78 2.66 20.99 -21.14
C LYS A 78 3.94 21.72 -21.58
N GLU A 79 3.86 23.03 -21.78
CA GLU A 79 5.06 23.81 -22.14
C GLU A 79 6.09 23.80 -21.00
N ASN A 80 5.61 23.91 -19.76
CA ASN A 80 6.48 24.15 -18.61
C ASN A 80 7.03 22.87 -17.96
N PHE A 81 6.58 21.73 -18.48
CA PHE A 81 6.90 20.41 -17.96
C PHE A 81 8.21 19.95 -18.59
N ILE A 82 9.30 20.39 -17.98
CA ILE A 82 10.61 20.04 -18.48
C ILE A 82 11.15 18.92 -17.63
N ALA A 83 12.16 18.23 -18.14
CA ALA A 83 12.90 17.28 -17.34
C ALA A 83 13.46 17.92 -16.07
N GLY A 84 13.69 17.05 -15.06
CA GLY A 84 14.36 17.40 -13.82
C GLY A 84 13.67 16.69 -12.66
N VAL A 85 13.90 17.20 -11.46
CA VAL A 85 13.35 16.59 -10.23
C VAL A 85 12.26 17.49 -9.67
N TYR A 86 11.10 16.91 -9.42
CA TYR A 86 9.88 17.65 -8.98
C TYR A 86 9.51 17.23 -7.55
N LYS A 87 8.79 18.07 -6.82
CA LYS A 87 8.27 17.67 -5.49
C LYS A 87 6.82 18.10 -5.45
N MET A 88 5.94 17.16 -5.13
CA MET A 88 4.59 17.56 -4.79
C MET A 88 4.45 17.47 -3.32
N ARG A 89 3.96 18.55 -2.69
CA ARG A 89 3.77 18.60 -1.25
C ARG A 89 2.29 18.59 -1.01
N PHE A 90 1.85 17.61 -0.23
CA PHE A 90 0.40 17.42 0.06
C PHE A 90 0.24 17.90 1.48
N GLU A 91 -0.70 18.82 1.73
CA GLU A 91 -0.82 19.36 3.08
C GLU A 91 -1.73 18.45 3.93
N THR A 92 -1.23 17.28 4.31
CA THR A 92 -2.06 16.21 4.88
C THR A 92 -2.54 16.61 6.26
N GLY A 93 -1.67 17.29 7.03
CA GLY A 93 -1.97 17.59 8.43
C GLY A 93 -3.13 18.59 8.42
N LYS A 94 -3.05 19.57 7.53
CA LYS A 94 -4.22 20.56 7.36
C LYS A 94 -5.54 19.89 6.87
N TYR A 95 -5.45 18.99 5.90
CA TYR A 95 -6.57 18.18 5.39
C TYR A 95 -7.31 17.43 6.52
N TRP A 96 -6.56 16.69 7.34
CA TRP A 96 -7.17 15.94 8.45
C TRP A 96 -7.72 16.87 9.51
N ASP A 97 -6.95 17.93 9.78
CA ASP A 97 -7.33 18.98 10.76
C ASP A 97 -8.69 19.58 10.37
N ALA A 98 -8.89 19.93 9.10
CA ALA A 98 -10.24 20.43 8.70
C ALA A 98 -11.35 19.37 8.85
N LEU A 99 -10.96 18.08 8.85
CA LEU A 99 -11.89 16.99 9.10
C LEU A 99 -12.04 16.69 10.61
N GLY A 100 -11.30 17.38 11.47
CA GLY A 100 -11.46 17.28 12.96
C GLY A 100 -10.61 16.13 13.46
N GLU A 101 -9.58 15.76 12.68
CA GLU A 101 -8.68 14.62 13.07
C GLU A 101 -7.20 14.92 13.02
N THR A 102 -6.38 14.20 13.78
CA THR A 102 -4.91 14.41 13.77
C THR A 102 -4.31 13.50 12.68
N CYS A 103 -3.12 13.85 12.20
CA CYS A 103 -2.47 12.98 11.22
C CYS A 103 -1.04 12.76 11.76
N PHE A 104 -0.47 11.54 11.65
CA PHE A 104 0.90 11.30 12.09
C PHE A 104 1.82 12.17 11.26
N TYR A 105 1.39 12.45 10.04
CA TYR A 105 2.25 13.20 9.08
C TYR A 105 1.76 14.68 8.93
N PRO A 106 2.56 15.68 9.35
CA PRO A 106 2.08 17.08 9.08
C PRO A 106 1.98 17.46 7.61
N TYR A 107 2.77 16.82 6.76
CA TYR A 107 2.73 17.04 5.32
C TYR A 107 3.40 15.85 4.68
N VAL A 108 3.17 15.66 3.41
CA VAL A 108 3.80 14.56 2.71
C VAL A 108 4.44 15.20 1.47
N GLU A 109 5.70 14.90 1.22
CA GLU A 109 6.32 15.31 -0.01
C GLU A 109 6.79 14.07 -0.82
N ILE A 110 6.48 14.05 -2.10
CA ILE A 110 6.91 12.96 -2.96
C ILE A 110 7.83 13.64 -3.96
N VAL A 111 9.05 13.11 -4.06
CA VAL A 111 10.03 13.70 -4.91
C VAL A 111 10.30 12.70 -5.97
N PHE A 112 10.28 13.11 -7.25
CA PHE A 112 10.47 12.18 -8.33
C PHE A 112 11.27 12.82 -9.47
N THR A 113 11.89 11.96 -10.28
CA THR A 113 12.67 12.41 -11.42
C THR A 113 11.90 12.19 -12.72
N ILE A 114 11.85 13.24 -13.56
CA ILE A 114 11.18 13.16 -14.83
C ILE A 114 12.31 13.17 -15.86
N THR A 115 12.45 12.08 -16.58
CA THR A 115 13.45 12.02 -17.68
C THR A 115 12.83 12.10 -19.08
N ASN A 116 11.64 11.55 -19.26
CA ASN A 116 10.94 11.58 -20.53
C ASN A 116 9.72 12.45 -20.34
N THR A 117 9.68 13.58 -21.05
CA THR A 117 8.57 14.55 -20.96
C THR A 117 7.34 14.29 -21.88
N SER A 118 7.40 13.24 -22.69
CA SER A 118 6.30 12.83 -23.58
C SER A 118 5.22 12.00 -22.91
N GLN A 119 5.54 11.51 -21.72
CA GLN A 119 4.68 10.59 -21.00
C GLN A 119 3.74 11.33 -20.07
N HIS A 120 2.62 10.70 -19.79
CA HIS A 120 1.80 11.13 -18.71
C HIS A 120 2.26 10.52 -17.39
N TYR A 121 2.26 11.34 -16.33
CA TYR A 121 2.70 10.91 -15.01
C TYR A 121 1.57 11.17 -14.07
N HIS A 122 1.08 10.14 -13.42
CA HIS A 122 0.03 10.26 -12.42
C HIS A 122 0.71 9.99 -11.10
N VAL A 123 0.63 10.98 -10.16
CA VAL A 123 1.37 10.93 -8.89
C VAL A 123 0.35 11.05 -7.73
N PRO A 124 -0.25 9.92 -7.34
CA PRO A 124 -1.41 10.02 -6.42
C PRO A 124 -1.01 9.87 -4.95
N LEU A 125 -1.92 10.16 -4.03
CA LEU A 125 -1.63 9.93 -2.65
C LEU A 125 -2.86 9.21 -2.12
N LEU A 126 -2.65 8.01 -1.58
CA LEU A 126 -3.65 7.18 -0.92
C LEU A 126 -3.33 7.26 0.55
N LEU A 127 -4.19 7.91 1.35
CA LEU A 127 -3.77 8.13 2.74
C LEU A 127 -4.88 7.87 3.76
N SER A 128 -4.42 7.47 4.92
CA SER A 128 -5.19 7.47 6.11
C SER A 128 -4.44 8.41 7.09
N ARG A 129 -4.88 8.44 8.33
CA ARG A 129 -4.31 9.27 9.30
C ARG A 129 -2.93 8.74 9.74
N PHE A 130 -2.65 7.45 9.43
CA PHE A 130 -1.46 6.77 9.96
C PHE A 130 -0.81 5.95 8.90
N SER A 131 -1.08 6.29 7.66
CA SER A 131 -0.39 5.58 6.58
C SER A 131 -0.51 6.32 5.25
N TYR A 132 0.41 6.01 4.29
CA TYR A 132 0.13 6.47 2.96
C TYR A 132 0.95 5.72 1.96
N SER A 133 0.50 5.81 0.73
CA SER A 133 1.25 5.11 -0.33
C SER A 133 1.23 5.94 -1.60
N THR A 134 2.15 5.67 -2.52
CA THR A 134 2.14 6.27 -3.85
C THR A 134 2.75 5.33 -4.86
N THR A 135 2.47 5.63 -6.13
CA THR A 135 2.61 4.79 -7.27
C THR A 135 2.91 5.68 -8.52
N ARG A 136 3.89 5.30 -9.33
CA ARG A 136 3.99 5.95 -10.60
C ARG A 136 2.95 5.36 -11.58
N GLY A 137 2.01 6.19 -12.01
CA GLY A 137 0.96 5.81 -12.98
C GLY A 137 1.05 6.66 -14.25
N SER A 138 0.20 6.34 -15.23
CA SER A 138 0.13 7.00 -16.55
C SER A 138 -1.29 7.42 -16.86
N ALA B 22 22.09 -5.94 29.50
CA ALA B 22 20.69 -5.91 28.91
C ALA B 22 20.59 -4.90 27.73
N THR B 23 20.10 -5.36 26.55
CA THR B 23 20.08 -4.53 25.33
C THR B 23 19.24 -3.27 25.42
N LEU B 24 19.85 -2.16 25.01
CA LEU B 24 19.15 -0.84 24.93
C LEU B 24 18.38 -0.75 23.63
N LEU B 25 17.05 -0.57 23.67
CA LEU B 25 16.30 -0.52 22.42
C LEU B 25 15.88 0.92 22.06
N SER B 26 16.30 1.39 20.88
CA SER B 26 15.79 2.65 20.31
C SER B 26 14.25 2.72 20.35
N PRO B 27 13.65 3.86 20.78
CA PRO B 27 12.17 4.04 20.71
C PRO B 27 11.63 4.24 19.30
N LEU B 28 12.52 4.41 18.35
CA LEU B 28 12.16 4.62 16.95
C LEU B 28 12.79 3.52 16.16
N SER B 29 11.98 2.74 15.45
CA SER B 29 12.55 1.66 14.60
C SER B 29 12.12 1.80 13.14
N THR B 30 12.84 1.14 12.26
CA THR B 30 12.46 1.08 10.86
C THR B 30 12.70 -0.32 10.28
N HIS B 31 12.24 -0.50 9.04
CA HIS B 31 12.34 -1.73 8.30
C HIS B 31 12.10 -1.33 6.87
N VAL B 32 13.05 -1.63 6.01
CA VAL B 32 12.92 -1.34 4.59
C VAL B 32 12.73 -2.67 3.91
N LEU B 33 11.69 -2.78 3.11
CA LEU B 33 11.35 -4.03 2.46
C LEU B 33 11.31 -3.78 0.98
N ASN B 34 12.11 -4.52 0.20
CA ASN B 34 12.05 -4.41 -1.23
C ASN B 34 10.91 -5.33 -1.78
N ILE B 35 9.79 -4.72 -2.19
CA ILE B 35 8.64 -5.48 -2.53
C ILE B 35 8.53 -5.96 -3.91
N ALA B 36 9.57 -5.68 -4.73
CA ALA B 36 9.60 -6.15 -6.07
C ALA B 36 10.26 -7.53 -6.08
N GLN B 37 11.23 -7.71 -5.19
CA GLN B 37 11.87 -9.04 -4.98
C GLN B 37 11.46 -9.85 -3.76
N GLY B 38 10.66 -9.27 -2.88
CA GLY B 38 10.32 -9.88 -1.60
C GLY B 38 11.52 -10.15 -0.70
N VAL B 39 12.53 -9.25 -0.76
CA VAL B 39 13.65 -9.33 0.16
C VAL B 39 13.79 -8.10 1.05
N PRO B 40 14.52 -8.23 2.18
CA PRO B 40 14.87 -7.01 2.90
C PRO B 40 15.68 -6.05 2.05
N GLY B 41 15.39 -4.74 2.22
CA GLY B 41 16.18 -3.62 1.65
C GLY B 41 17.39 -3.42 2.55
N ALA B 42 18.44 -4.17 2.22
CA ALA B 42 19.70 -4.15 2.95
C ALA B 42 20.62 -3.07 2.38
N ASN B 43 21.42 -2.48 3.25
CA ASN B 43 22.47 -1.53 2.89
C ASN B 43 21.80 -0.28 2.30
N MET B 44 20.64 0.09 2.87
CA MET B 44 20.07 1.40 2.44
C MET B 44 20.54 2.43 3.44
N THR B 45 21.09 3.55 2.97
CA THR B 45 21.44 4.66 3.86
C THR B 45 20.15 5.34 4.37
N ILE B 46 20.10 5.56 5.67
CA ILE B 46 19.00 6.28 6.31
C ILE B 46 19.51 7.46 7.17
N VAL B 47 18.89 8.64 7.05
CA VAL B 47 19.31 9.80 7.87
C VAL B 47 18.10 10.31 8.64
N LEU B 48 18.24 10.31 9.96
CA LEU B 48 17.20 10.83 10.85
C LEU B 48 17.48 12.31 11.18
N HIS B 49 16.50 13.17 10.93
CA HIS B 49 16.61 14.59 11.36
C HIS B 49 15.54 14.99 12.34
N ARG B 50 15.78 16.05 13.07
CA ARG B 50 14.68 16.71 13.82
C ARG B 50 14.67 18.23 13.53
N LEU B 51 13.47 18.78 13.45
CA LEU B 51 13.27 20.19 13.19
C LEU B 51 13.84 21.02 14.35
N ASP B 52 14.68 21.98 14.00
CA ASP B 52 15.30 22.85 15.04
C ASP B 52 14.23 23.84 15.56
N PRO B 53 14.11 24.01 16.91
CA PRO B 53 13.03 24.85 17.50
C PRO B 53 13.21 26.36 17.24
N VAL B 54 14.41 26.78 16.94
CA VAL B 54 14.70 28.18 16.79
C VAL B 54 14.90 28.56 15.33
N SER B 55 15.77 27.84 14.61
CA SER B 55 16.04 28.09 13.20
C SER B 55 14.91 27.32 12.57
N SER B 56 14.58 27.43 11.31
CA SER B 56 13.46 26.43 11.18
C SER B 56 13.95 25.23 10.38
N ALA B 57 15.16 24.82 10.77
CA ALA B 57 16.00 24.02 9.89
C ALA B 57 16.06 22.59 10.41
N TRP B 58 16.29 21.63 9.53
CA TRP B 58 16.42 20.20 9.90
C TRP B 58 17.82 20.00 10.51
N ASN B 59 17.91 19.41 11.70
CA ASN B 59 19.25 19.04 12.24
C ASN B 59 19.42 17.55 12.06
N ILE B 60 20.48 17.12 11.38
CA ILE B 60 20.86 15.70 11.33
C ILE B 60 21.12 15.11 12.73
N LEU B 61 20.42 14.02 13.08
CA LEU B 61 20.66 13.30 14.35
C LEU B 61 21.60 12.10 14.16
N THR B 62 21.25 11.23 13.23
CA THR B 62 21.93 9.92 13.07
C THR B 62 21.97 9.69 11.57
N THR B 63 23.04 9.05 11.12
CA THR B 63 23.14 8.47 9.79
C THR B 63 23.46 6.96 9.97
N GLY B 64 22.76 6.12 9.23
CA GLY B 64 22.98 4.67 9.31
C GLY B 64 22.76 3.99 7.97
N ILE B 65 23.13 2.70 7.92
CA ILE B 65 22.96 1.83 6.75
C ILE B 65 22.13 0.65 7.29
N THR B 66 21.07 0.22 6.60
CA THR B 66 20.28 -0.88 7.08
C THR B 66 21.12 -2.15 7.09
N ASN B 67 20.80 -3.06 8.00
CA ASN B 67 21.48 -4.37 8.04
C ASN B 67 20.86 -5.37 7.04
N ASP B 68 21.35 -6.63 7.05
CA ASP B 68 20.91 -7.65 6.09
C ASP B 68 19.41 -8.00 6.20
N ASP B 69 18.80 -7.73 7.35
CA ASP B 69 17.36 -7.90 7.54
C ASP B 69 16.53 -6.58 7.25
N GLY B 70 17.18 -5.61 6.63
CA GLY B 70 16.54 -4.31 6.25
C GLY B 70 16.19 -3.40 7.42
N ARG B 71 16.82 -3.65 8.58
CA ARG B 71 16.57 -2.89 9.82
C ARG B 71 17.75 -2.02 10.25
N CYS B 72 17.49 -1.08 11.15
CA CYS B 72 18.50 -0.13 11.64
C CYS B 72 18.39 0.08 13.15
N PRO B 73 19.01 -0.80 13.94
CA PRO B 73 18.88 -0.63 15.40
C PRO B 73 19.62 0.61 15.90
N GLY B 74 19.18 1.18 17.01
CA GLY B 74 19.86 2.38 17.56
C GLY B 74 19.75 3.70 16.78
N LEU B 75 18.62 3.88 16.07
CA LEU B 75 18.32 5.19 15.42
C LEU B 75 18.45 6.37 16.37
N ILE B 76 18.05 6.17 17.62
CA ILE B 76 18.01 7.27 18.56
C ILE B 76 17.94 6.73 19.98
N THR B 77 18.48 7.49 20.94
CA THR B 77 18.43 7.13 22.36
C THR B 77 17.12 7.58 22.97
N LYS B 78 16.68 6.89 24.02
CA LYS B 78 15.52 7.33 24.82
C LYS B 78 15.61 8.84 25.17
N GLU B 79 16.82 9.31 25.51
CA GLU B 79 17.03 10.65 26.05
C GLU B 79 16.92 11.75 24.98
N ASN B 80 17.42 11.44 23.78
CA ASN B 80 17.26 12.28 22.58
C ASN B 80 15.86 12.24 21.93
N PHE B 81 14.99 11.34 22.36
CA PHE B 81 13.71 11.16 21.69
C PHE B 81 12.62 11.95 22.43
N ILE B 82 12.57 13.25 22.13
CA ILE B 82 11.63 14.24 22.73
C ILE B 82 10.56 14.62 21.69
N ALA B 83 9.43 15.13 22.15
CA ALA B 83 8.41 15.70 21.31
C ALA B 83 9.04 16.57 20.23
N GLY B 84 8.54 16.39 19.02
CA GLY B 84 9.15 17.07 17.88
C GLY B 84 8.54 16.64 16.57
N VAL B 85 9.06 17.25 15.50
CA VAL B 85 8.75 16.84 14.15
C VAL B 85 10.08 16.30 13.63
N TYR B 86 10.07 15.08 13.17
CA TYR B 86 11.24 14.35 12.66
C TYR B 86 11.13 14.07 11.20
N LYS B 87 12.25 13.83 10.54
CA LYS B 87 12.17 13.40 9.20
C LYS B 87 13.17 12.22 9.04
N MET B 88 12.65 11.10 8.53
CA MET B 88 13.47 10.00 8.06
C MET B 88 13.67 10.04 6.58
N ARG B 89 14.93 10.21 6.23
CA ARG B 89 15.32 10.17 4.88
C ARG B 89 16.00 8.81 4.47
N PHE B 90 15.44 8.25 3.40
CA PHE B 90 15.81 6.92 2.82
C PHE B 90 16.42 7.22 1.44
N GLU B 91 17.64 6.77 1.27
CA GLU B 91 18.33 6.98 0.01
C GLU B 91 18.01 5.92 -1.08
N THR B 92 16.84 6.08 -1.69
CA THR B 92 16.24 5.04 -2.47
C THR B 92 16.89 4.97 -3.87
N GLY B 93 17.11 6.15 -4.46
CA GLY B 93 17.89 6.34 -5.68
C GLY B 93 19.23 5.61 -5.59
N LYS B 94 20.03 5.92 -4.56
CA LYS B 94 21.30 5.19 -4.25
C LYS B 94 21.14 3.67 -4.06
N TYR B 95 20.22 3.27 -3.18
CA TYR B 95 19.87 1.85 -3.00
C TYR B 95 19.61 1.11 -4.33
N TRP B 96 18.64 1.57 -5.13
CA TRP B 96 18.39 0.97 -6.44
C TRP B 96 19.58 1.03 -7.41
N ASP B 97 20.28 2.15 -7.38
CA ASP B 97 21.47 2.22 -8.25
C ASP B 97 22.53 1.18 -7.90
N ALA B 98 22.70 0.82 -6.64
CA ALA B 98 23.76 -0.19 -6.37
C ALA B 98 23.29 -1.61 -6.70
N LEU B 99 22.01 -1.74 -7.07
CA LEU B 99 21.47 -2.96 -7.61
C LEU B 99 21.35 -2.90 -9.13
N GLY B 100 21.94 -1.87 -9.73
CA GLY B 100 21.90 -1.66 -11.16
C GLY B 100 20.55 -1.26 -11.76
N GLU B 101 19.69 -0.53 -11.02
CA GLU B 101 18.41 -0.13 -11.61
C GLU B 101 18.04 1.32 -11.28
N THR B 102 17.14 1.94 -12.05
CA THR B 102 16.69 3.31 -11.71
C THR B 102 15.60 3.24 -10.64
N CYS B 103 15.30 4.37 -9.98
CA CYS B 103 14.12 4.52 -9.12
C CYS B 103 13.37 5.78 -9.61
N PHE B 104 12.05 5.77 -9.56
CA PHE B 104 11.28 7.00 -9.79
C PHE B 104 11.58 8.12 -8.74
N TYR B 105 11.91 7.76 -7.50
CA TYR B 105 12.10 8.68 -6.42
C TYR B 105 13.61 8.76 -6.15
N PRO B 106 14.20 9.93 -6.24
CA PRO B 106 15.64 9.90 -5.91
C PRO B 106 15.90 9.68 -4.42
N TYR B 107 14.96 10.06 -3.53
CA TYR B 107 15.12 9.72 -2.12
C TYR B 107 13.67 9.79 -1.65
N VAL B 108 13.42 9.38 -0.44
CA VAL B 108 12.06 9.38 0.10
C VAL B 108 12.19 10.00 1.50
N GLU B 109 11.36 11.00 1.85
CA GLU B 109 11.42 11.51 3.20
C GLU B 109 10.06 11.38 3.81
N ILE B 110 10.04 10.81 5.00
CA ILE B 110 8.78 10.66 5.80
C ILE B 110 8.91 11.61 6.99
N VAL B 111 7.97 12.56 7.08
CA VAL B 111 8.10 13.65 8.07
C VAL B 111 6.99 13.28 9.02
N PHE B 112 7.26 13.27 10.31
CA PHE B 112 6.22 12.79 11.24
C PHE B 112 6.28 13.51 12.58
N THR B 113 5.15 13.58 13.28
CA THR B 113 5.13 14.31 14.52
C THR B 113 5.15 13.33 15.68
N ILE B 114 6.05 13.60 16.59
CA ILE B 114 6.04 12.88 17.85
C ILE B 114 5.56 13.78 19.01
N THR B 115 4.47 13.39 19.63
CA THR B 115 4.03 14.08 20.83
C THR B 115 4.15 13.17 22.07
N ASN B 116 3.62 11.95 21.97
CA ASN B 116 3.71 10.94 23.04
C ASN B 116 5.06 10.22 22.96
N THR B 117 5.92 10.58 23.89
CA THR B 117 7.24 10.08 24.00
C THR B 117 7.30 8.68 24.70
N SER B 118 6.18 8.18 25.22
CA SER B 118 6.20 6.89 25.91
C SER B 118 6.02 5.68 24.99
N GLN B 119 5.63 5.88 23.73
CA GLN B 119 5.24 4.76 22.90
C GLN B 119 6.39 4.39 22.00
N HIS B 120 6.34 3.18 21.46
CA HIS B 120 7.29 2.83 20.43
C HIS B 120 6.79 3.27 19.08
N TYR B 121 7.67 3.73 18.20
CA TYR B 121 7.25 4.12 16.85
C TYR B 121 8.04 3.35 15.82
N HIS B 122 7.34 2.65 14.92
CA HIS B 122 8.02 1.93 13.87
C HIS B 122 7.64 2.64 12.57
N VAL B 123 8.64 3.05 11.78
CA VAL B 123 8.35 3.85 10.60
C VAL B 123 9.03 3.19 9.41
N PRO B 124 8.30 2.31 8.74
CA PRO B 124 8.89 1.43 7.75
C PRO B 124 8.86 2.05 6.38
N LEU B 125 9.63 1.44 5.45
CA LEU B 125 9.51 1.83 4.06
C LEU B 125 9.40 0.56 3.20
N LEU B 126 8.29 0.41 2.47
CA LEU B 126 8.05 -0.74 1.60
C LEU B 126 8.07 -0.16 0.21
N LEU B 127 9.07 -0.59 -0.58
CA LEU B 127 9.50 0.14 -1.77
C LEU B 127 9.63 -0.80 -2.95
N SER B 128 9.21 -0.32 -4.13
CA SER B 128 9.61 -0.90 -5.42
C SER B 128 10.32 0.20 -6.16
N ARG B 129 10.65 0.01 -7.44
CA ARG B 129 11.30 1.11 -8.13
C ARG B 129 10.28 2.23 -8.43
N PHE B 130 8.98 1.86 -8.41
CA PHE B 130 7.91 2.77 -8.86
C PHE B 130 6.74 2.97 -7.89
N SER B 131 7.02 2.69 -6.63
CA SER B 131 5.99 2.78 -5.58
C SER B 131 6.69 2.76 -4.20
N TYR B 132 6.00 3.35 -3.22
CA TYR B 132 6.37 3.05 -1.88
C TYR B 132 5.20 3.32 -0.97
N SER B 133 5.32 2.73 0.19
CA SER B 133 4.30 2.96 1.22
C SER B 133 4.92 3.06 2.62
N THR B 134 4.14 3.59 3.58
CA THR B 134 4.63 3.59 4.95
C THR B 134 3.45 3.56 5.84
N THR B 135 3.67 3.16 7.07
CA THR B 135 2.61 3.16 8.08
C THR B 135 3.15 3.58 9.45
N ARG B 136 2.29 4.09 10.34
CA ARG B 136 2.77 4.20 11.71
C ARG B 136 2.51 2.87 12.43
N GLY B 137 3.56 2.30 13.02
CA GLY B 137 3.44 1.08 13.83
C GLY B 137 4.00 1.26 15.23
N SER B 138 3.71 0.25 16.06
CA SER B 138 4.01 0.18 17.50
C SER B 138 5.03 -0.94 17.83
N ALA C 22 -22.76 6.23 -28.66
CA ALA C 22 -22.77 6.86 -27.28
C ALA C 22 -22.38 5.79 -26.22
N THR C 23 -21.13 5.82 -25.78
CA THR C 23 -20.53 4.67 -25.08
C THR C 23 -21.00 4.37 -23.62
N LEU C 24 -21.75 3.27 -23.44
CA LEU C 24 -22.16 2.72 -22.10
C LEU C 24 -21.07 2.62 -21.01
N LEU C 25 -21.36 3.21 -19.85
CA LEU C 25 -20.42 3.32 -18.71
C LEU C 25 -20.77 2.36 -17.53
N SER C 26 -19.94 1.33 -17.31
CA SER C 26 -20.18 0.34 -16.23
C SER C 26 -20.05 1.00 -14.84
N PRO C 27 -20.96 0.71 -13.86
CA PRO C 27 -20.74 1.31 -12.55
C PRO C 27 -19.65 0.63 -11.71
N LEU C 28 -19.05 -0.43 -12.24
CA LEU C 28 -18.03 -1.15 -11.52
C LEU C 28 -16.82 -1.14 -12.48
N SER C 29 -15.73 -0.60 -12.00
CA SER C 29 -14.52 -0.54 -12.80
C SER C 29 -13.31 -1.08 -12.01
N THR C 30 -12.22 -1.36 -12.71
CA THR C 30 -11.03 -1.85 -12.05
C THR C 30 -9.84 -1.20 -12.79
N HIS C 31 -8.62 -1.48 -12.30
CA HIS C 31 -7.36 -0.99 -12.92
C HIS C 31 -6.31 -1.91 -12.32
N VAL C 32 -5.38 -2.45 -13.15
CA VAL C 32 -4.36 -3.31 -12.65
C VAL C 32 -3.06 -2.55 -12.94
N LEU C 33 -2.28 -2.30 -11.92
CA LEU C 33 -1.00 -1.59 -12.15
C LEU C 33 0.10 -2.47 -11.63
N ASN C 34 1.11 -2.66 -12.48
CA ASN C 34 2.30 -3.36 -12.13
C ASN C 34 3.30 -2.33 -11.53
N ILE C 35 3.36 -2.38 -10.19
CA ILE C 35 4.15 -1.42 -9.43
C ILE C 35 5.61 -1.71 -9.42
N ALA C 36 6.01 -2.88 -9.92
CA ALA C 36 7.41 -3.19 -9.94
C ALA C 36 8.11 -2.47 -11.12
N GLN C 37 7.37 -2.27 -12.20
CA GLN C 37 7.91 -1.52 -13.38
C GLN C 37 7.12 -0.25 -13.66
N GLY C 38 6.13 0.02 -12.84
CA GLY C 38 5.40 1.23 -13.06
C GLY C 38 4.66 1.33 -14.40
N VAL C 39 4.08 0.19 -14.84
CA VAL C 39 3.30 0.08 -16.11
C VAL C 39 1.97 -0.59 -15.82
N PRO C 40 0.98 -0.38 -16.70
CA PRO C 40 -0.30 -1.08 -16.48
C PRO C 40 -0.11 -2.60 -16.53
N GLY C 41 -1.00 -3.32 -15.83
CA GLY C 41 -1.08 -4.78 -15.89
C GLY C 41 -1.98 -5.21 -17.04
N ALA C 42 -1.41 -5.22 -18.26
CA ALA C 42 -2.08 -5.59 -19.50
C ALA C 42 -2.25 -7.07 -19.58
N ASN C 43 -3.40 -7.46 -20.10
CA ASN C 43 -3.72 -8.84 -20.45
C ASN C 43 -3.81 -9.76 -19.23
N MET C 44 -4.44 -9.27 -18.17
CA MET C 44 -4.64 -10.13 -17.00
C MET C 44 -6.09 -10.53 -17.00
N THR C 45 -6.32 -11.80 -16.69
CA THR C 45 -7.66 -12.35 -16.73
C THR C 45 -8.37 -11.99 -15.42
N ILE C 46 -9.57 -11.48 -15.53
CA ILE C 46 -10.35 -11.15 -14.36
C ILE C 46 -11.69 -11.82 -14.50
N VAL C 47 -12.24 -12.30 -13.38
CA VAL C 47 -13.50 -13.02 -13.45
C VAL C 47 -14.31 -12.38 -12.35
N LEU C 48 -15.54 -11.99 -12.69
CA LEU C 48 -16.40 -11.37 -11.71
C LEU C 48 -17.51 -12.35 -11.34
N HIS C 49 -17.80 -12.44 -10.03
CA HIS C 49 -18.84 -13.34 -9.56
C HIS C 49 -19.70 -12.54 -8.65
N ARG C 50 -20.92 -13.04 -8.43
CA ARG C 50 -21.73 -12.49 -7.37
C ARG C 50 -22.33 -13.67 -6.59
N LEU C 51 -22.38 -13.52 -5.28
CA LEU C 51 -22.92 -14.55 -4.44
C LEU C 51 -24.43 -14.60 -4.71
N ASP C 52 -24.98 -15.79 -4.92
CA ASP C 52 -26.44 -15.93 -5.01
C ASP C 52 -27.08 -16.07 -3.57
N PRO C 53 -27.97 -15.15 -3.17
CA PRO C 53 -28.57 -15.21 -1.82
C PRO C 53 -29.64 -16.29 -1.60
N VAL C 54 -30.24 -16.85 -2.66
CA VAL C 54 -31.26 -17.95 -2.49
C VAL C 54 -30.59 -19.31 -2.20
N SER C 55 -29.61 -19.70 -3.02
CA SER C 55 -28.63 -20.71 -2.62
C SER C 55 -27.55 -19.98 -1.77
N SER C 56 -26.41 -20.61 -1.55
CA SER C 56 -25.23 -19.87 -1.09
C SER C 56 -24.09 -20.27 -1.99
N ALA C 57 -24.13 -19.76 -3.21
CA ALA C 57 -23.12 -20.09 -4.19
C ALA C 57 -22.72 -18.90 -5.06
N TRP C 58 -21.46 -18.89 -5.46
CA TRP C 58 -20.97 -17.91 -6.40
C TRP C 58 -21.53 -18.18 -7.79
N ASN C 59 -22.06 -17.12 -8.42
CA ASN C 59 -22.48 -17.13 -9.81
C ASN C 59 -21.53 -16.35 -10.63
N ILE C 60 -21.04 -16.95 -11.71
CA ILE C 60 -20.16 -16.25 -12.59
C ILE C 60 -20.96 -15.15 -13.29
N LEU C 61 -20.40 -13.95 -13.37
CA LEU C 61 -21.05 -12.86 -14.11
C LEU C 61 -20.37 -12.62 -15.44
N THR C 62 -19.05 -12.45 -15.40
CA THR C 62 -18.34 -12.14 -16.59
C THR C 62 -16.87 -12.50 -16.46
N THR C 63 -16.24 -12.71 -17.60
CA THR C 63 -14.81 -12.90 -17.62
C THR C 63 -14.22 -11.99 -18.67
N GLY C 64 -13.11 -11.36 -18.35
CA GLY C 64 -12.54 -10.36 -19.24
C GLY C 64 -11.05 -10.41 -19.11
N ILE C 65 -10.37 -9.68 -19.98
CA ILE C 65 -8.93 -9.62 -19.98
C ILE C 65 -8.66 -8.13 -19.94
N THR C 66 -7.75 -7.66 -19.06
CA THR C 66 -7.45 -6.23 -19.01
C THR C 66 -6.87 -5.74 -20.33
N ASN C 67 -7.23 -4.53 -20.74
CA ASN C 67 -6.68 -3.91 -22.00
C ASN C 67 -5.28 -3.36 -21.71
N ASP C 68 -4.64 -2.70 -22.69
CA ASP C 68 -3.24 -2.18 -22.54
C ASP C 68 -3.05 -1.08 -21.48
N ASP C 69 -4.14 -0.44 -21.04
CA ASP C 69 -4.14 0.57 -19.97
C ASP C 69 -4.50 -0.08 -18.57
N GLY C 70 -4.56 -1.41 -18.52
CA GLY C 70 -4.70 -2.15 -17.24
C GLY C 70 -6.15 -2.17 -16.79
N ARG C 71 -7.05 -1.74 -17.67
CA ARG C 71 -8.44 -1.56 -17.30
C ARG C 71 -9.37 -2.61 -17.97
N CYS C 72 -10.60 -2.68 -17.49
CA CYS C 72 -11.47 -3.69 -18.03
C CYS C 72 -12.84 -3.09 -18.13
N PRO C 73 -13.08 -2.27 -19.17
CA PRO C 73 -14.42 -1.61 -19.29
C PRO C 73 -15.60 -2.62 -19.46
N GLY C 74 -16.81 -2.24 -19.08
CA GLY C 74 -17.98 -3.05 -19.40
C GLY C 74 -18.20 -4.27 -18.52
N LEU C 75 -17.67 -4.23 -17.31
CA LEU C 75 -17.82 -5.28 -16.33
C LEU C 75 -19.29 -5.63 -16.02
N ILE C 76 -20.18 -4.66 -16.04
CA ILE C 76 -21.58 -4.94 -15.62
C ILE C 76 -22.50 -3.78 -16.01
N THR C 77 -23.79 -4.07 -16.27
CA THR C 77 -24.70 -3.01 -16.69
C THR C 77 -25.33 -2.44 -15.44
N LYS C 78 -25.92 -1.26 -15.56
CA LYS C 78 -26.56 -0.60 -14.43
C LYS C 78 -27.70 -1.46 -13.81
N GLU C 79 -28.44 -2.14 -14.68
CA GLU C 79 -29.59 -2.98 -14.33
C GLU C 79 -29.16 -4.25 -13.59
N ASN C 80 -27.98 -4.79 -13.95
CA ASN C 80 -27.44 -6.01 -13.31
C ASN C 80 -26.64 -5.75 -12.04
N PHE C 81 -26.26 -4.49 -11.83
CA PHE C 81 -25.46 -4.09 -10.68
C PHE C 81 -26.38 -3.88 -9.50
N ILE C 82 -26.77 -4.96 -8.85
CA ILE C 82 -27.69 -4.89 -7.71
C ILE C 82 -26.89 -5.01 -6.41
N ALA C 83 -27.51 -4.67 -5.29
CA ALA C 83 -26.88 -4.87 -4.01
C ALA C 83 -26.51 -6.38 -3.86
N GLY C 84 -25.41 -6.67 -3.19
CA GLY C 84 -24.95 -8.06 -3.07
C GLY C 84 -23.49 -8.13 -2.72
N VAL C 85 -22.95 -9.36 -2.65
CA VAL C 85 -21.54 -9.57 -2.39
C VAL C 85 -20.89 -10.02 -3.70
N TYR C 86 -19.81 -9.36 -4.08
CA TYR C 86 -19.16 -9.70 -5.36
C TYR C 86 -17.75 -10.17 -5.06
N LYS C 87 -17.18 -10.93 -6.03
CA LYS C 87 -15.81 -11.39 -5.97
C LYS C 87 -15.17 -11.09 -7.33
N MET C 88 -14.01 -10.45 -7.31
CA MET C 88 -13.23 -10.32 -8.52
C MET C 88 -11.97 -11.14 -8.35
N ARG C 89 -11.76 -12.06 -9.30
CA ARG C 89 -10.60 -12.91 -9.26
C ARG C 89 -9.62 -12.40 -10.32
N PHE C 90 -8.39 -12.12 -9.90
CA PHE C 90 -7.37 -11.61 -10.79
C PHE C 90 -6.36 -12.74 -10.96
N GLU C 91 -6.07 -13.16 -12.20
CA GLU C 91 -5.24 -14.38 -12.37
C GLU C 91 -3.79 -13.98 -12.32
N THR C 92 -3.31 -13.70 -11.13
CA THR C 92 -1.98 -13.08 -11.02
C THR C 92 -0.85 -14.04 -11.39
N GLY C 93 -0.99 -15.30 -11.00
CA GLY C 93 0.02 -16.39 -11.27
C GLY C 93 0.21 -16.53 -12.79
N LYS C 94 -0.90 -16.53 -13.54
CA LYS C 94 -0.84 -16.61 -15.03
C LYS C 94 -0.26 -15.34 -15.61
N TYR C 95 -0.63 -14.17 -15.03
CA TYR C 95 -0.10 -12.92 -15.47
C TYR C 95 1.41 -12.94 -15.37
N TRP C 96 1.94 -13.34 -14.21
CA TRP C 96 3.41 -13.23 -14.08
C TRP C 96 4.16 -14.32 -14.90
N ASP C 97 3.55 -15.50 -14.97
CA ASP C 97 4.04 -16.66 -15.76
C ASP C 97 4.27 -16.22 -17.21
N ALA C 98 3.28 -15.53 -17.78
CA ALA C 98 3.37 -15.00 -19.17
C ALA C 98 4.50 -13.99 -19.32
N LEU C 99 4.74 -13.20 -18.27
CA LEU C 99 5.97 -12.34 -18.19
C LEU C 99 7.27 -13.11 -17.86
N GLY C 100 7.16 -14.42 -17.65
CA GLY C 100 8.34 -15.29 -17.37
C GLY C 100 8.84 -15.24 -15.93
N GLU C 101 7.95 -14.88 -15.01
CA GLU C 101 8.35 -14.63 -13.62
C GLU C 101 7.45 -15.46 -12.69
N THR C 102 8.00 -15.82 -11.54
CA THR C 102 7.28 -16.47 -10.44
C THR C 102 6.56 -15.33 -9.65
N CYS C 103 5.46 -15.68 -8.99
CA CYS C 103 4.64 -14.75 -8.17
C CYS C 103 4.36 -15.50 -6.90
N PHE C 104 4.23 -14.77 -5.81
CA PHE C 104 3.99 -15.39 -4.52
C PHE C 104 2.54 -15.73 -4.45
N TYR C 105 1.72 -14.96 -5.15
CA TYR C 105 0.26 -15.17 -5.04
C TYR C 105 -0.27 -15.74 -6.33
N PRO C 106 -0.76 -17.00 -6.32
CA PRO C 106 -1.20 -17.68 -7.56
C PRO C 106 -2.44 -17.03 -8.12
N TYR C 107 -3.28 -16.42 -7.27
CA TYR C 107 -4.36 -15.59 -7.76
C TYR C 107 -4.68 -14.58 -6.66
N VAL C 108 -5.53 -13.60 -6.99
CA VAL C 108 -6.00 -12.63 -5.97
C VAL C 108 -7.53 -12.55 -6.08
N GLU C 109 -8.24 -12.79 -4.97
CA GLU C 109 -9.64 -12.56 -4.99
C GLU C 109 -9.89 -11.43 -4.04
N ILE C 110 -10.71 -10.48 -4.51
CA ILE C 110 -11.21 -9.34 -3.74
C ILE C 110 -12.71 -9.54 -3.60
N VAL C 111 -13.14 -9.63 -2.37
CA VAL C 111 -14.55 -9.84 -2.10
C VAL C 111 -15.05 -8.59 -1.39
N PHE C 112 -16.17 -8.07 -1.87
CA PHE C 112 -16.69 -6.78 -1.44
C PHE C 112 -18.22 -6.66 -1.47
N THR C 113 -18.73 -5.85 -0.55
CA THR C 113 -20.17 -5.67 -0.37
C THR C 113 -20.57 -4.36 -1.09
N ILE C 114 -21.56 -4.46 -1.98
CA ILE C 114 -22.25 -3.30 -2.62
C ILE C 114 -23.58 -3.12 -1.94
N THR C 115 -23.75 -1.99 -1.28
CA THR C 115 -25.05 -1.69 -0.69
C THR C 115 -25.71 -0.46 -1.34
N ASN C 116 -24.92 0.62 -1.53
CA ASN C 116 -25.28 1.80 -2.33
C ASN C 116 -25.02 1.65 -3.84
N THR C 117 -26.12 1.47 -4.54
CA THR C 117 -26.14 1.12 -5.94
C THR C 117 -26.09 2.31 -6.89
N SER C 118 -26.25 3.52 -6.35
CA SER C 118 -26.24 4.72 -7.17
C SER C 118 -24.82 5.26 -7.37
N GLN C 119 -23.84 4.67 -6.67
CA GLN C 119 -22.43 5.07 -6.73
C GLN C 119 -21.62 4.24 -7.73
N HIS C 120 -20.52 4.83 -8.22
CA HIS C 120 -19.49 4.12 -9.01
C HIS C 120 -18.46 3.50 -8.07
N TYR C 121 -18.05 2.25 -8.33
CA TYR C 121 -17.14 1.53 -7.44
C TYR C 121 -15.96 1.19 -8.28
N HIS C 122 -14.79 1.75 -7.91
CA HIS C 122 -13.52 1.39 -8.59
C HIS C 122 -12.80 0.50 -7.62
N VAL C 123 -12.38 -0.67 -8.12
CA VAL C 123 -11.84 -1.75 -7.25
C VAL C 123 -10.59 -2.26 -8.00
N PRO C 124 -9.41 -1.64 -7.72
CA PRO C 124 -8.20 -1.84 -8.52
C PRO C 124 -7.26 -2.87 -7.84
N LEU C 125 -6.20 -3.26 -8.54
CA LEU C 125 -5.22 -4.19 -7.97
C LEU C 125 -3.84 -3.62 -8.32
N LEU C 126 -3.09 -3.21 -7.30
CA LEU C 126 -1.76 -2.64 -7.51
C LEU C 126 -0.77 -3.74 -7.02
N LEU C 127 0.02 -4.30 -7.92
CA LEU C 127 0.67 -5.55 -7.52
C LEU C 127 2.11 -5.63 -8.01
N SER C 128 2.95 -6.30 -7.22
CA SER C 128 4.28 -6.73 -7.70
C SER C 128 4.35 -8.24 -7.65
N ARG C 129 5.54 -8.83 -7.79
CA ARG C 129 5.60 -10.26 -7.64
C ARG C 129 5.30 -10.67 -6.20
N PHE C 130 5.63 -9.81 -5.23
CA PHE C 130 5.62 -10.15 -3.84
C PHE C 130 4.84 -9.23 -2.94
N SER C 131 3.86 -8.54 -3.50
CA SER C 131 3.02 -7.61 -2.71
C SER C 131 1.78 -7.28 -3.53
N TYR C 132 0.67 -6.91 -2.88
CA TYR C 132 -0.40 -6.18 -3.61
C TYR C 132 -1.27 -5.41 -2.67
N SER C 133 -2.05 -4.52 -3.26
CA SER C 133 -2.93 -3.66 -2.47
C SER C 133 -4.24 -3.41 -3.30
N THR C 134 -5.30 -3.09 -2.59
CA THR C 134 -6.51 -2.66 -3.25
C THR C 134 -7.14 -1.59 -2.34
N THR C 135 -7.97 -0.76 -2.92
CA THR C 135 -8.73 0.30 -2.20
C THR C 135 -10.13 0.34 -2.84
N ARG C 136 -11.11 0.81 -2.05
CA ARG C 136 -12.37 1.22 -2.65
C ARG C 136 -12.27 2.69 -3.10
N GLY C 137 -12.55 2.94 -4.38
CA GLY C 137 -12.77 4.31 -4.92
C GLY C 137 -14.05 4.50 -5.73
N SER C 138 -14.14 5.69 -6.34
CA SER C 138 -15.28 6.08 -7.13
C SER C 138 -14.85 6.97 -8.29
N LEU D 25 7.92 -22.67 17.41
CA LEU D 25 8.29 -21.66 16.37
C LEU D 25 7.62 -21.96 15.01
N SER D 26 6.56 -21.22 14.71
CA SER D 26 5.88 -21.37 13.41
C SER D 26 6.73 -20.77 12.24
N PRO D 27 6.96 -21.56 11.16
CA PRO D 27 7.65 -21.04 9.96
C PRO D 27 6.75 -20.03 9.21
N LEU D 28 5.47 -19.96 9.57
CA LEU D 28 4.57 -19.01 8.94
C LEU D 28 4.09 -18.05 10.02
N SER D 29 4.20 -16.75 9.77
CA SER D 29 3.68 -15.77 10.74
C SER D 29 2.90 -14.63 10.05
N THR D 30 2.17 -13.85 10.84
CA THR D 30 1.37 -12.77 10.31
C THR D 30 1.37 -11.59 11.31
N HIS D 31 0.80 -10.47 10.88
CA HIS D 31 0.64 -9.34 11.74
C HIS D 31 -0.43 -8.52 11.05
N VAL D 32 -1.44 -8.16 11.82
CA VAL D 32 -2.53 -7.33 11.32
C VAL D 32 -2.38 -5.93 11.89
N LEU D 33 -2.44 -4.92 11.01
CA LEU D 33 -2.25 -3.56 11.41
C LEU D 33 -3.47 -2.82 10.89
N ASN D 34 -4.19 -2.16 11.81
CA ASN D 34 -5.25 -1.22 11.50
C ASN D 34 -4.63 0.14 11.15
N ILE D 35 -4.48 0.39 9.84
CA ILE D 35 -3.83 1.60 9.33
C ILE D 35 -4.73 2.84 9.41
N ALA D 36 -5.98 2.65 9.80
CA ALA D 36 -6.86 3.79 9.95
C ALA D 36 -6.59 4.46 11.27
N GLN D 37 -6.16 3.63 12.23
CA GLN D 37 -6.00 4.08 13.61
C GLN D 37 -4.57 3.97 14.08
N GLY D 38 -3.72 3.31 13.28
CA GLY D 38 -2.32 3.13 13.60
C GLY D 38 -2.06 2.24 14.82
N VAL D 39 -2.92 1.25 15.03
CA VAL D 39 -2.78 0.26 16.13
C VAL D 39 -2.74 -1.21 15.56
N PRO D 40 -2.17 -2.18 16.31
CA PRO D 40 -2.42 -3.59 15.86
C PRO D 40 -3.91 -3.98 15.75
N GLY D 41 -4.21 -4.89 14.81
CA GLY D 41 -5.57 -5.45 14.62
C GLY D 41 -5.69 -6.65 15.54
N ALA D 42 -6.23 -6.38 16.76
CA ALA D 42 -6.44 -7.37 17.82
C ALA D 42 -7.71 -8.10 17.61
N ASN D 43 -7.77 -9.33 18.11
CA ASN D 43 -8.92 -10.17 18.01
C ASN D 43 -9.52 -10.42 16.65
N MET D 44 -8.70 -10.50 15.61
CA MET D 44 -9.29 -10.82 14.36
C MET D 44 -9.10 -12.29 14.16
N THR D 45 -10.11 -12.91 13.59
CA THR D 45 -10.06 -14.34 13.35
C THR D 45 -9.30 -14.58 12.07
N ILE D 46 -8.42 -15.60 12.09
CA ILE D 46 -7.63 -15.96 10.90
C ILE D 46 -7.65 -17.49 10.78
N VAL D 47 -7.96 -18.01 9.58
CA VAL D 47 -8.02 -19.44 9.36
C VAL D 47 -7.02 -19.69 8.27
N LEU D 48 -6.10 -20.61 8.54
CA LEU D 48 -5.09 -21.03 7.55
C LEU D 48 -5.59 -22.32 6.90
N HIS D 49 -5.52 -22.40 5.55
CA HIS D 49 -5.91 -23.55 4.77
C HIS D 49 -4.79 -23.97 3.86
N ARG D 50 -4.86 -25.22 3.39
CA ARG D 50 -3.90 -25.76 2.44
C ARG D 50 -4.71 -26.40 1.32
N LEU D 51 -4.25 -26.22 0.07
CA LEU D 51 -4.99 -26.68 -1.07
C LEU D 51 -4.64 -28.17 -1.30
N ASP D 52 -5.68 -29.00 -1.51
CA ASP D 52 -5.56 -30.37 -2.05
C ASP D 52 -5.36 -30.20 -3.57
N PRO D 53 -4.13 -30.41 -4.05
CA PRO D 53 -3.83 -30.07 -5.45
C PRO D 53 -4.43 -31.02 -6.46
N VAL D 54 -4.94 -32.15 -5.99
CA VAL D 54 -5.37 -33.19 -6.90
C VAL D 54 -6.87 -33.06 -7.16
N SER D 55 -7.61 -32.73 -6.10
CA SER D 55 -8.98 -32.25 -6.18
C SER D 55 -8.76 -30.76 -6.06
N SER D 56 -9.79 -29.94 -5.97
CA SER D 56 -9.35 -28.60 -5.66
C SER D 56 -9.94 -28.12 -4.35
N ALA D 57 -9.91 -28.99 -3.35
CA ALA D 57 -10.51 -28.70 -2.05
C ALA D 57 -9.55 -27.91 -1.17
N TRP D 58 -10.09 -27.03 -0.32
CA TRP D 58 -9.27 -26.31 0.65
C TRP D 58 -9.30 -27.07 1.99
N ASN D 59 -8.15 -27.39 2.58
CA ASN D 59 -8.17 -28.03 3.92
C ASN D 59 -7.81 -27.06 5.04
N ILE D 60 -8.59 -27.01 6.11
CA ILE D 60 -8.23 -26.17 7.27
C ILE D 60 -7.14 -26.74 8.14
N LEU D 61 -6.06 -25.99 8.34
CA LEU D 61 -4.94 -26.46 9.11
C LEU D 61 -5.05 -25.85 10.51
N THR D 62 -5.39 -24.58 10.60
CA THR D 62 -5.36 -23.87 11.87
C THR D 62 -6.37 -22.75 11.88
N THR D 63 -7.12 -22.64 12.97
CA THR D 63 -7.97 -21.50 13.23
C THR D 63 -7.40 -20.75 14.47
N GLY D 64 -7.16 -19.46 14.36
CA GLY D 64 -6.64 -18.64 15.47
C GLY D 64 -7.28 -17.26 15.49
N ILE D 65 -6.83 -16.45 16.43
CA ILE D 65 -7.32 -15.09 16.64
C ILE D 65 -6.06 -14.31 17.03
N THR D 66 -5.92 -13.11 16.45
CA THR D 66 -4.76 -12.30 16.73
C THR D 66 -4.84 -11.79 18.16
N ASN D 67 -3.68 -11.62 18.74
CA ASN D 67 -3.54 -11.12 20.11
C ASN D 67 -3.50 -9.58 20.10
N ASP D 68 -3.27 -8.95 21.26
CA ASP D 68 -3.19 -7.48 21.30
C ASP D 68 -2.04 -6.86 20.49
N ASP D 69 -0.99 -7.61 20.20
CA ASP D 69 0.07 -7.18 19.28
C ASP D 69 -0.25 -7.39 17.79
N GLY D 70 -1.46 -7.84 17.48
CA GLY D 70 -1.86 -8.24 16.12
C GLY D 70 -1.16 -9.44 15.50
N ARG D 71 -0.58 -10.29 16.35
CA ARG D 71 0.10 -11.49 15.86
C ARG D 71 -0.72 -12.75 16.07
N CYS D 72 -0.37 -13.81 15.33
CA CYS D 72 -1.04 -15.08 15.49
C CYS D 72 0.00 -16.19 15.59
N PRO D 73 0.50 -16.48 16.80
CA PRO D 73 1.58 -17.46 16.86
C PRO D 73 1.08 -18.91 16.68
N GLY D 74 2.00 -19.83 16.36
CA GLY D 74 1.62 -21.23 16.13
C GLY D 74 0.60 -21.47 15.00
N LEU D 75 0.69 -20.71 13.93
CA LEU D 75 -0.13 -20.98 12.74
C LEU D 75 0.09 -22.39 12.17
N ILE D 76 1.33 -22.91 12.23
CA ILE D 76 1.67 -24.24 11.72
C ILE D 76 2.97 -24.72 12.36
N THR D 77 3.15 -26.03 12.47
CA THR D 77 4.44 -26.56 12.91
C THR D 77 5.46 -26.70 11.74
N LYS D 78 6.75 -26.68 12.07
CA LYS D 78 7.78 -26.98 11.11
C LYS D 78 7.51 -28.30 10.32
N GLU D 79 7.12 -29.34 11.06
CA GLU D 79 6.93 -30.66 10.45
C GLU D 79 5.73 -30.67 9.47
N ASN D 80 4.71 -29.86 9.75
CA ASN D 80 3.54 -29.75 8.86
C ASN D 80 3.71 -28.71 7.73
N PHE D 81 4.80 -27.94 7.78
CA PHE D 81 5.06 -26.92 6.76
C PHE D 81 5.67 -27.52 5.46
N ILE D 82 4.84 -28.07 4.60
CA ILE D 82 5.35 -28.59 3.32
C ILE D 82 5.03 -27.61 2.16
N ALA D 83 5.71 -27.80 1.04
CA ALA D 83 5.43 -26.97 -0.12
C ALA D 83 3.97 -27.17 -0.53
N GLY D 84 3.30 -26.14 -1.10
CA GLY D 84 1.89 -26.29 -1.43
C GLY D 84 1.36 -24.88 -1.62
N VAL D 85 0.05 -24.78 -1.82
CA VAL D 85 -0.62 -23.53 -1.95
C VAL D 85 -1.54 -23.39 -0.66
N TYR D 86 -1.33 -22.30 0.04
CA TYR D 86 -1.90 -22.02 1.36
C TYR D 86 -2.76 -20.82 1.16
N LYS D 87 -3.75 -20.65 2.02
CA LYS D 87 -4.55 -19.48 2.00
C LYS D 87 -4.75 -19.08 3.45
N MET D 88 -4.67 -17.77 3.77
CA MET D 88 -5.16 -17.29 5.05
C MET D 88 -6.42 -16.47 4.84
N ARG D 89 -7.46 -16.82 5.58
CA ARG D 89 -8.66 -16.01 5.54
C ARG D 89 -8.65 -15.16 6.76
N PHE D 90 -8.82 -13.85 6.58
CA PHE D 90 -8.85 -12.89 7.69
C PHE D 90 -10.30 -12.41 7.80
N GLU D 91 -10.90 -12.51 8.99
CA GLU D 91 -12.31 -12.14 9.12
C GLU D 91 -12.52 -10.63 9.34
N THR D 92 -12.32 -9.87 8.28
CA THR D 92 -12.32 -8.40 8.32
C THR D 92 -13.69 -7.75 8.66
N GLY D 93 -14.78 -8.24 8.07
CA GLY D 93 -16.11 -7.61 8.35
C GLY D 93 -16.44 -7.84 9.82
N LYS D 94 -16.09 -9.03 10.35
CA LYS D 94 -16.39 -9.37 11.75
C LYS D 94 -15.56 -8.48 12.68
N TYR D 95 -14.30 -8.27 12.30
CA TYR D 95 -13.39 -7.39 13.02
C TYR D 95 -13.93 -5.95 13.04
N TRP D 96 -14.35 -5.40 11.92
CA TRP D 96 -14.72 -4.01 11.91
C TRP D 96 -16.07 -3.83 12.65
N ASP D 97 -16.99 -4.73 12.40
CA ASP D 97 -18.33 -4.65 13.03
C ASP D 97 -18.27 -4.66 14.58
N ALA D 98 -17.38 -5.49 15.12
CA ALA D 98 -17.13 -5.53 16.56
C ALA D 98 -16.62 -4.16 17.10
N LEU D 99 -15.91 -3.41 16.26
CA LEU D 99 -15.46 -2.04 16.54
C LEU D 99 -16.51 -0.97 16.19
N GLY D 100 -17.72 -1.42 15.80
CA GLY D 100 -18.85 -0.52 15.48
C GLY D 100 -18.82 0.10 14.10
N GLU D 101 -18.10 -0.52 13.14
CA GLU D 101 -18.00 0.11 11.82
C GLU D 101 -18.21 -0.90 10.69
N THR D 102 -18.63 -0.45 9.50
CA THR D 102 -18.80 -1.42 8.40
C THR D 102 -17.45 -1.54 7.71
N CYS D 103 -17.29 -2.58 6.93
CA CYS D 103 -16.03 -2.76 6.17
C CYS D 103 -16.43 -3.02 4.74
N PHE D 104 -15.65 -2.55 3.76
CA PHE D 104 -16.00 -2.86 2.35
C PHE D 104 -15.87 -4.40 2.04
N TYR D 105 -14.98 -5.07 2.77
CA TYR D 105 -14.66 -6.44 2.51
C TYR D 105 -15.17 -7.37 3.61
N PRO D 106 -16.12 -8.27 3.26
CA PRO D 106 -16.62 -9.20 4.31
C PRO D 106 -15.54 -10.15 4.89
N TYR D 107 -14.53 -10.46 4.08
CA TYR D 107 -13.39 -11.21 4.57
C TYR D 107 -12.32 -10.88 3.54
N VAL D 108 -11.09 -11.14 3.92
CA VAL D 108 -9.96 -11.01 2.98
C VAL D 108 -9.24 -12.40 2.95
N GLU D 109 -8.87 -12.92 1.76
CA GLU D 109 -8.15 -14.18 1.68
C GLU D 109 -6.88 -13.86 0.94
N ILE D 110 -5.73 -14.26 1.51
CA ILE D 110 -4.47 -14.09 0.82
C ILE D 110 -4.00 -15.50 0.47
N VAL D 111 -3.72 -15.76 -0.83
CA VAL D 111 -3.36 -17.09 -1.30
C VAL D 111 -1.95 -17.00 -1.80
N PHE D 112 -1.10 -17.91 -1.31
CA PHE D 112 0.32 -17.78 -1.60
C PHE D 112 0.95 -19.21 -1.81
N THR D 113 2.08 -19.28 -2.53
CA THR D 113 2.70 -20.56 -2.85
C THR D 113 3.99 -20.65 -2.02
N ILE D 114 4.19 -21.80 -1.41
CA ILE D 114 5.36 -22.13 -0.60
C ILE D 114 6.15 -23.19 -1.37
N THR D 115 7.38 -22.85 -1.69
CA THR D 115 8.22 -23.76 -2.46
C THR D 115 9.41 -24.16 -1.61
N ASN D 116 10.03 -23.16 -0.99
CA ASN D 116 11.26 -23.31 -0.20
C ASN D 116 10.84 -23.31 1.23
N THR D 117 11.04 -24.45 1.86
CA THR D 117 10.41 -24.71 3.13
C THR D 117 11.35 -24.42 4.34
N SER D 118 12.60 -24.10 4.06
CA SER D 118 13.54 -23.70 5.09
C SER D 118 13.52 -22.19 5.37
N GLN D 119 12.70 -21.42 4.64
CA GLN D 119 12.61 -20.00 4.91
C GLN D 119 11.43 -19.72 5.84
N HIS D 120 11.51 -18.58 6.52
CA HIS D 120 10.35 -18.13 7.31
C HIS D 120 9.52 -17.29 6.36
N TYR D 121 8.20 -17.31 6.51
CA TYR D 121 7.35 -16.49 5.65
C TYR D 121 6.46 -15.69 6.55
N HIS D 122 6.46 -14.37 6.34
CA HIS D 122 5.61 -13.45 7.08
C HIS D 122 4.58 -12.92 6.08
N VAL D 123 3.31 -13.14 6.39
CA VAL D 123 2.19 -12.76 5.51
C VAL D 123 1.22 -11.86 6.27
N PRO D 124 1.47 -10.55 6.23
CA PRO D 124 0.70 -9.66 7.10
C PRO D 124 -0.51 -9.07 6.36
N LEU D 125 -1.41 -8.43 7.12
CA LEU D 125 -2.53 -7.72 6.54
C LEU D 125 -2.53 -6.31 7.13
N LEU D 126 -2.49 -5.31 6.25
CA LEU D 126 -2.50 -3.91 6.65
C LEU D 126 -3.83 -3.36 6.13
N LEU D 127 -4.76 -3.02 7.02
CA LEU D 127 -6.08 -2.76 6.47
C LEU D 127 -6.72 -1.51 7.11
N SER D 128 -7.60 -0.90 6.30
CA SER D 128 -8.56 0.08 6.82
C SER D 128 -9.94 -0.44 6.52
N ARG D 129 -10.98 0.40 6.67
CA ARG D 129 -12.36 0.01 6.31
C ARG D 129 -12.55 -0.18 4.80
N PHE D 130 -11.67 0.46 4.02
CA PHE D 130 -11.82 0.57 2.59
C PHE D 130 -10.55 0.30 1.82
N SER D 131 -9.58 -0.39 2.45
CA SER D 131 -8.33 -0.71 1.69
C SER D 131 -7.60 -1.89 2.35
N TYR D 132 -6.72 -2.58 1.63
CA TYR D 132 -5.84 -3.43 2.41
C TYR D 132 -4.66 -3.70 1.55
N SER D 133 -3.56 -4.07 2.20
CA SER D 133 -2.32 -4.47 1.43
C SER D 133 -1.64 -5.67 2.11
N THR D 134 -0.78 -6.34 1.35
CA THR D 134 0.03 -7.42 1.95
C THR D 134 1.34 -7.48 1.20
N THR D 135 2.38 -8.07 1.83
CA THR D 135 3.68 -8.18 1.17
C THR D 135 4.25 -9.54 1.64
N ARG D 136 5.19 -10.14 0.91
CA ARG D 136 5.80 -11.31 1.46
C ARG D 136 6.98 -10.81 2.28
N GLY D 137 7.00 -11.18 3.55
CA GLY D 137 8.16 -10.88 4.46
C GLY D 137 8.88 -12.17 4.93
N SER D 138 9.99 -11.98 5.65
CA SER D 138 10.83 -13.06 6.16
C SER D 138 11.21 -12.93 7.66
#